data_4EUG
#
_entry.id   4EUG
#
_cell.length_a   54.100
_cell.length_b   59.000
_cell.length_c   63.800
_cell.angle_alpha   90.00
_cell.angle_beta   90.00
_cell.angle_gamma   90.00
#
_symmetry.space_group_name_H-M   'P 21 21 21'
#
loop_
_entity.id
_entity.type
_entity.pdbx_description
1 polymer 'PROTEIN (GLYCOSYLASE)'
2 water water
#
_entity_poly.entity_id   1
_entity_poly.type   'polypeptide(L)'
_entity_poly.pdbx_seq_one_letter_code
;MANELTWHDVLAEEKQQPYFLNTLQTVASERQSGVTIYPPQKDVFNAFRFTELGDVKVVILGQDPYHGPGQAHGLAFSVR
PGIAIPPSLLNMYKELENTIPGFTRPNHGYLESWARQGVLLLNTVLTVRAGQAHSHASLGWETFTDKVISLINQHREGVV
FLLWGSHAQKKGAIIDKQRHHVLKAPQPSPLSAHRGFFGCNHFVLANQWLEQHGETPIDWMPVLPAESE
;
_entity_poly.pdbx_strand_id   A
#
# COMPACT_ATOMS: atom_id res chain seq x y z
N LEU A 5 3.85 -18.07 10.94
CA LEU A 5 4.27 -16.76 11.38
C LEU A 5 3.27 -15.69 10.92
N THR A 6 2.97 -14.81 11.86
CA THR A 6 2.08 -13.68 11.67
C THR A 6 2.89 -12.41 11.78
N TRP A 7 2.24 -11.31 11.39
CA TRP A 7 2.93 -10.04 11.63
C TRP A 7 3.37 -9.83 13.08
N HIS A 8 2.48 -10.20 13.99
CA HIS A 8 2.84 -9.90 15.38
C HIS A 8 3.99 -10.80 15.82
N ASP A 9 4.05 -12.04 15.34
CA ASP A 9 5.26 -12.80 15.67
C ASP A 9 6.54 -12.08 15.26
N VAL A 10 6.58 -11.58 14.01
CA VAL A 10 7.85 -11.05 13.52
C VAL A 10 8.05 -9.57 13.84
N LEU A 11 6.96 -8.87 14.20
CA LEU A 11 7.08 -7.43 14.49
C LEU A 11 7.02 -7.10 15.97
N ALA A 12 6.73 -8.08 16.83
CA ALA A 12 6.53 -7.80 18.25
C ALA A 12 7.69 -7.04 18.88
N GLU A 13 8.90 -7.50 18.57
CA GLU A 13 10.06 -6.80 19.13
C GLU A 13 10.27 -5.40 18.57
N GLU A 14 10.12 -5.27 17.25
CA GLU A 14 10.22 -3.91 16.67
C GLU A 14 9.25 -2.96 17.34
N LYS A 15 8.06 -3.49 17.66
CA LYS A 15 7.03 -2.56 18.15
C LYS A 15 7.29 -2.20 19.61
N GLN A 16 8.33 -2.72 20.24
CA GLN A 16 8.74 -2.27 21.57
C GLN A 16 9.99 -1.40 21.52
N GLN A 17 10.48 -1.10 20.32
CA GLN A 17 11.60 -0.17 20.24
C GLN A 17 11.22 1.26 20.54
N PRO A 18 12.10 1.98 21.22
CA PRO A 18 11.80 3.36 21.56
C PRO A 18 11.44 4.21 20.36
N TYR A 19 12.13 4.09 19.23
CA TYR A 19 11.77 4.96 18.10
C TYR A 19 10.29 4.72 17.76
N PHE A 20 9.84 3.47 17.83
CA PHE A 20 8.52 3.13 17.31
C PHE A 20 7.44 3.63 18.28
N LEU A 21 7.64 3.32 19.56
CA LEU A 21 6.70 3.83 20.54
C LEU A 21 6.72 5.35 20.57
N ASN A 22 7.85 5.95 20.30
CA ASN A 22 7.86 7.42 20.27
C ASN A 22 7.12 7.99 19.09
N THR A 23 7.10 7.22 17.97
CA THR A 23 6.34 7.69 16.81
C THR A 23 4.86 7.78 17.16
N LEU A 24 4.41 6.74 17.81
CA LEU A 24 3.03 6.62 18.20
C LEU A 24 2.69 7.73 19.21
N GLN A 25 3.57 7.92 20.22
CA GLN A 25 3.18 8.94 21.22
C GLN A 25 3.21 10.32 20.58
N THR A 26 4.05 10.59 19.57
CA THR A 26 4.04 11.86 18.89
C THR A 26 2.75 12.04 18.08
N VAL A 27 2.30 10.96 17.44
CA VAL A 27 1.03 11.04 16.68
C VAL A 27 -0.14 11.36 17.62
N ALA A 28 -0.18 10.65 18.74
CA ALA A 28 -1.21 10.84 19.76
C ALA A 28 -1.19 12.30 20.25
N SER A 29 0.01 12.85 20.44
CA SER A 29 0.12 14.25 20.83
C SER A 29 -0.47 15.15 19.76
N GLU A 30 0.02 14.91 18.51
CA GLU A 30 -0.48 15.78 17.45
C GLU A 30 -2.00 15.75 17.29
N ARG A 31 -2.64 14.62 17.53
CA ARG A 31 -4.07 14.50 17.39
C ARG A 31 -4.84 15.43 18.36
N GLN A 32 -4.18 15.79 19.43
CA GLN A 32 -4.83 16.67 20.42
C GLN A 32 -4.19 18.05 20.39
N SER A 33 -3.41 18.38 19.38
CA SER A 33 -2.68 19.66 19.39
C SER A 33 -3.38 20.79 18.64
N GLY A 34 -4.53 20.48 18.04
CA GLY A 34 -5.22 21.49 17.26
C GLY A 34 -5.18 21.21 15.77
N VAL A 35 -4.44 20.19 15.33
CA VAL A 35 -4.47 19.78 13.93
C VAL A 35 -5.06 18.38 13.83
N THR A 36 -5.55 18.04 12.65
CA THR A 36 -6.14 16.72 12.48
C THR A 36 -5.10 15.82 11.79
N ILE A 37 -5.05 14.57 12.23
CA ILE A 37 -4.11 13.62 11.64
C ILE A 37 -4.85 12.50 10.92
N TYR A 38 -4.33 12.14 9.76
CA TYR A 38 -4.98 11.06 9.00
C TYR A 38 -4.03 9.90 8.80
N PRO A 39 -4.50 8.68 8.73
CA PRO A 39 -5.89 8.29 8.99
C PRO A 39 -6.18 8.21 10.46
N PRO A 40 -7.42 7.92 10.88
CA PRO A 40 -7.70 7.73 12.30
C PRO A 40 -6.80 6.66 12.90
N GLN A 41 -6.63 6.70 14.22
CA GLN A 41 -5.73 5.78 14.93
C GLN A 41 -6.06 4.33 14.66
N LYS A 42 -7.37 3.99 14.63
CA LYS A 42 -7.75 2.61 14.47
C LYS A 42 -7.43 2.06 13.09
N ASP A 43 -7.09 2.99 12.16
CA ASP A 43 -6.84 2.59 10.79
C ASP A 43 -5.39 2.58 10.37
N VAL A 44 -4.48 3.10 11.19
CA VAL A 44 -3.08 3.29 10.79
C VAL A 44 -2.45 2.00 10.31
N PHE A 45 -2.83 0.85 10.91
CA PHE A 45 -2.19 -0.42 10.57
C PHE A 45 -3.10 -1.34 9.79
N ASN A 46 -4.11 -0.81 9.09
CA ASN A 46 -5.04 -1.64 8.38
C ASN A 46 -4.41 -2.47 7.28
N ALA A 47 -3.26 -2.10 6.73
CA ALA A 47 -2.72 -2.97 5.69
C ALA A 47 -2.39 -4.34 6.31
N PHE A 48 -1.95 -4.26 7.57
CA PHE A 48 -1.56 -5.47 8.27
C PHE A 48 -2.80 -6.23 8.72
N ARG A 49 -3.90 -5.56 9.03
CA ARG A 49 -5.10 -6.22 9.47
C ARG A 49 -5.72 -7.04 8.34
N PHE A 50 -5.68 -6.42 7.15
CA PHE A 50 -6.35 -7.02 6.01
C PHE A 50 -5.45 -7.98 5.27
N THR A 51 -4.15 -7.86 5.38
CA THR A 51 -3.26 -8.79 4.67
C THR A 51 -2.23 -9.34 5.63
N GLU A 52 -2.53 -10.53 6.18
CA GLU A 52 -1.59 -11.19 7.09
C GLU A 52 -0.30 -11.52 6.38
N LEU A 53 0.77 -11.71 7.15
CA LEU A 53 2.08 -11.98 6.58
C LEU A 53 1.98 -13.19 5.62
N GLY A 54 1.36 -14.28 6.12
CA GLY A 54 1.34 -15.50 5.31
C GLY A 54 0.44 -15.37 4.09
N ASP A 55 -0.30 -14.25 4.00
CA ASP A 55 -1.29 -14.06 2.95
C ASP A 55 -0.81 -13.04 1.92
N VAL A 56 0.38 -12.50 2.09
CA VAL A 56 0.91 -11.50 1.18
C VAL A 56 1.25 -12.14 -0.17
N LYS A 57 0.59 -11.71 -1.26
CA LYS A 57 0.95 -12.16 -2.60
C LYS A 57 1.67 -11.09 -3.42
N VAL A 58 1.15 -9.87 -3.27
CA VAL A 58 1.64 -8.71 -4.04
C VAL A 58 1.86 -7.56 -3.04
N VAL A 59 2.99 -6.86 -3.16
CA VAL A 59 3.20 -5.68 -2.34
C VAL A 59 3.20 -4.47 -3.25
N ILE A 60 2.33 -3.52 -2.91
CA ILE A 60 2.36 -2.25 -3.65
C ILE A 60 2.64 -1.17 -2.62
N LEU A 61 3.76 -0.48 -2.83
CA LEU A 61 4.06 0.61 -1.92
C LEU A 61 3.48 1.93 -2.43
N GLY A 62 2.91 2.67 -1.47
CA GLY A 62 2.70 4.10 -1.66
C GLY A 62 3.73 4.83 -0.81
N GLN A 63 3.62 6.16 -0.71
CA GLN A 63 4.60 6.88 0.12
C GLN A 63 3.82 7.51 1.28
N ASP A 64 3.13 8.61 1.08
CA ASP A 64 2.34 9.31 2.06
C ASP A 64 0.87 8.93 2.06
N PRO A 65 0.17 8.82 3.17
CA PRO A 65 -1.28 8.65 3.18
C PRO A 65 -1.91 9.90 2.57
N TYR A 66 -3.08 9.68 1.94
CA TYR A 66 -3.82 10.88 1.51
C TYR A 66 -4.10 11.82 2.65
N HIS A 67 -4.16 13.13 2.43
CA HIS A 67 -4.19 14.05 3.57
C HIS A 67 -5.45 14.90 3.60
N GLY A 68 -6.50 14.48 2.88
CA GLY A 68 -7.77 15.16 2.99
C GLY A 68 -8.85 14.40 3.74
N PRO A 69 -9.90 15.06 4.16
CA PRO A 69 -10.88 14.33 4.99
C PRO A 69 -11.54 13.19 4.19
N GLY A 70 -11.68 12.05 4.87
CA GLY A 70 -12.37 10.87 4.41
C GLY A 70 -11.59 10.06 3.40
N GLN A 71 -10.38 10.51 3.06
CA GLN A 71 -9.59 9.84 2.03
C GLN A 71 -8.85 8.63 2.63
N ALA A 72 -7.78 8.87 3.38
CA ALA A 72 -6.95 7.77 3.87
C ALA A 72 -7.72 6.86 4.83
N HIS A 73 -7.50 5.54 4.66
CA HIS A 73 -8.07 4.64 5.68
C HIS A 73 -7.10 3.48 5.93
N GLY A 74 -5.80 3.72 5.72
CA GLY A 74 -4.81 2.75 6.15
C GLY A 74 -4.32 1.81 5.06
N LEU A 75 -4.75 2.03 3.84
CA LEU A 75 -4.32 1.21 2.70
C LEU A 75 -3.77 2.16 1.63
N ALA A 76 -2.56 1.88 1.15
CA ALA A 76 -2.02 2.70 0.06
C ALA A 76 -3.01 2.82 -1.10
N PHE A 77 -3.14 4.02 -1.62
CA PHE A 77 -3.88 4.41 -2.81
C PHE A 77 -5.40 4.31 -2.68
N SER A 78 -5.95 3.63 -1.70
CA SER A 78 -7.39 3.41 -1.54
C SER A 78 -8.06 4.57 -0.85
N VAL A 79 -9.32 4.83 -1.18
CA VAL A 79 -10.16 5.76 -0.41
C VAL A 79 -11.47 5.11 0.03
N ARG A 80 -12.15 5.74 1.00
CA ARG A 80 -13.36 5.14 1.56
C ARG A 80 -14.43 5.16 0.47
N PRO A 81 -15.43 4.30 0.55
CA PRO A 81 -16.57 4.41 -0.38
C PRO A 81 -17.18 5.80 -0.32
N GLY A 82 -17.61 6.35 -1.46
CA GLY A 82 -18.23 7.66 -1.44
C GLY A 82 -17.28 8.79 -1.74
N ILE A 83 -15.99 8.55 -1.56
CA ILE A 83 -14.97 9.54 -1.85
C ILE A 83 -14.48 9.44 -3.30
N ALA A 84 -14.18 10.59 -3.89
CA ALA A 84 -13.78 10.58 -5.29
C ALA A 84 -12.43 9.86 -5.38
N ILE A 85 -12.28 9.19 -6.51
CA ILE A 85 -11.10 8.41 -6.79
C ILE A 85 -9.92 9.34 -7.01
N PRO A 86 -8.91 9.38 -6.17
CA PRO A 86 -7.82 10.32 -6.35
C PRO A 86 -7.04 10.09 -7.65
N PRO A 87 -6.41 11.11 -8.18
CA PRO A 87 -5.61 10.99 -9.41
C PRO A 87 -4.68 9.79 -9.47
N SER A 88 -3.90 9.42 -8.47
CA SER A 88 -3.00 8.28 -8.54
C SER A 88 -3.80 7.01 -8.83
N LEU A 89 -4.93 6.82 -8.11
CA LEU A 89 -5.73 5.59 -8.35
C LEU A 89 -6.44 5.66 -9.71
N LEU A 90 -6.86 6.84 -10.16
CA LEU A 90 -7.44 6.89 -11.50
C LEU A 90 -6.42 6.38 -12.53
N ASN A 91 -5.16 6.77 -12.32
CA ASN A 91 -4.14 6.35 -13.31
C ASN A 91 -3.86 4.88 -13.22
N MET A 92 -3.90 4.33 -12.02
CA MET A 92 -3.84 2.87 -11.90
C MET A 92 -5.00 2.21 -12.64
N TYR A 93 -6.20 2.79 -12.48
CA TYR A 93 -7.34 2.20 -13.18
C TYR A 93 -7.18 2.28 -14.70
N LYS A 94 -6.62 3.40 -15.17
CA LYS A 94 -6.45 3.55 -16.61
C LYS A 94 -5.56 2.44 -17.17
N GLU A 95 -4.46 2.17 -16.47
CA GLU A 95 -3.53 1.12 -16.88
C GLU A 95 -4.27 -0.23 -16.79
N LEU A 96 -5.06 -0.43 -15.74
CA LEU A 96 -5.85 -1.66 -15.63
C LEU A 96 -6.83 -1.78 -16.78
N GLU A 97 -7.54 -0.72 -17.17
CA GLU A 97 -8.49 -0.79 -18.27
C GLU A 97 -7.82 -1.13 -19.59
N ASN A 98 -6.56 -0.65 -19.69
CA ASN A 98 -5.84 -0.89 -20.92
C ASN A 98 -5.24 -2.29 -20.98
N THR A 99 -5.20 -3.03 -19.88
CA THR A 99 -4.45 -4.29 -19.92
C THR A 99 -5.19 -5.50 -19.45
N ILE A 100 -6.11 -5.37 -18.50
CA ILE A 100 -6.73 -6.60 -17.97
C ILE A 100 -8.00 -6.86 -18.71
N PRO A 101 -8.13 -8.02 -19.29
CA PRO A 101 -9.33 -8.34 -20.03
C PRO A 101 -10.60 -8.16 -19.20
N GLY A 102 -11.58 -7.42 -19.72
CA GLY A 102 -12.86 -7.24 -19.03
C GLY A 102 -12.87 -6.11 -18.02
N PHE A 103 -11.72 -5.49 -17.81
CA PHE A 103 -11.72 -4.46 -16.75
C PHE A 103 -12.43 -3.20 -17.26
N THR A 104 -13.26 -2.58 -16.42
CA THR A 104 -13.85 -1.29 -16.72
C THR A 104 -13.71 -0.31 -15.53
N ARG A 105 -13.87 0.97 -15.84
CA ARG A 105 -13.62 1.97 -14.79
C ARG A 105 -14.48 1.73 -13.57
N PRO A 106 -13.97 1.44 -12.39
CA PRO A 106 -14.86 1.35 -11.24
C PRO A 106 -15.52 2.67 -10.84
N ASN A 107 -16.67 2.52 -10.16
CA ASN A 107 -17.32 3.74 -9.67
C ASN A 107 -16.92 4.11 -8.25
N HIS A 108 -15.82 3.56 -7.75
CA HIS A 108 -15.33 3.91 -6.42
C HIS A 108 -13.82 3.72 -6.34
N GLY A 109 -13.20 4.18 -5.23
CA GLY A 109 -11.77 4.01 -5.05
C GLY A 109 -11.42 3.10 -3.90
N TYR A 110 -12.32 2.23 -3.46
CA TYR A 110 -12.01 1.43 -2.27
C TYR A 110 -11.43 0.07 -2.58
N LEU A 111 -10.26 -0.22 -2.02
CA LEU A 111 -9.43 -1.37 -2.43
C LEU A 111 -9.32 -2.44 -1.34
N GLU A 112 -10.28 -2.47 -0.43
CA GLU A 112 -10.25 -3.56 0.55
C GLU A 112 -10.20 -4.94 -0.10
N SER A 113 -10.95 -5.07 -1.20
CA SER A 113 -11.01 -6.39 -1.82
C SER A 113 -9.67 -6.77 -2.47
N TRP A 114 -8.83 -5.79 -2.78
CA TRP A 114 -7.46 -6.16 -3.15
C TRP A 114 -6.68 -6.73 -1.95
N ALA A 115 -6.74 -5.97 -0.85
CA ALA A 115 -6.01 -6.43 0.34
C ALA A 115 -6.48 -7.80 0.78
N ARG A 116 -7.81 -8.02 0.72
CA ARG A 116 -8.24 -9.34 1.22
C ARG A 116 -7.85 -10.44 0.26
N GLN A 117 -7.30 -10.13 -0.93
CA GLN A 117 -6.82 -11.15 -1.86
C GLN A 117 -5.31 -11.28 -1.73
N GLY A 118 -4.66 -10.52 -0.82
CA GLY A 118 -3.22 -10.74 -0.69
C GLY A 118 -2.38 -9.58 -1.23
N VAL A 119 -3.06 -8.48 -1.57
CA VAL A 119 -2.31 -7.29 -2.02
C VAL A 119 -2.06 -6.41 -0.79
N LEU A 120 -0.79 -6.37 -0.38
CA LEU A 120 -0.35 -5.54 0.72
C LEU A 120 -0.16 -4.11 0.24
N LEU A 121 -1.06 -3.25 0.71
CA LEU A 121 -1.12 -1.87 0.24
C LEU A 121 -0.53 -0.99 1.34
N LEU A 122 0.79 -0.91 1.27
CA LEU A 122 1.60 -0.38 2.35
C LEU A 122 2.16 0.99 1.97
N ASN A 123 1.75 2.01 2.65
CA ASN A 123 2.43 3.31 2.53
C ASN A 123 3.73 3.21 3.34
N THR A 124 4.77 3.90 2.91
CA THR A 124 6.02 3.88 3.65
C THR A 124 5.95 4.80 4.89
N VAL A 125 5.07 5.78 4.88
CA VAL A 125 4.78 6.70 6.00
C VAL A 125 3.31 6.47 6.33
N LEU A 126 2.95 6.24 7.59
CA LEU A 126 1.60 5.77 7.89
C LEU A 126 0.68 6.82 8.52
N THR A 127 1.14 8.06 8.76
CA THR A 127 0.24 9.15 9.17
C THR A 127 0.61 10.43 8.46
N VAL A 128 -0.26 11.44 8.51
CA VAL A 128 0.03 12.74 7.91
C VAL A 128 -0.85 13.80 8.58
N ARG A 129 -0.33 15.01 8.75
CA ARG A 129 -1.17 16.13 9.12
C ARG A 129 -2.09 16.51 7.95
N ALA A 130 -3.34 16.76 8.29
CA ALA A 130 -4.30 17.27 7.29
C ALA A 130 -3.75 18.38 6.43
N GLY A 131 -3.94 18.19 5.13
CA GLY A 131 -3.52 19.12 4.10
C GLY A 131 -2.03 19.26 3.96
N GLN A 132 -1.20 18.52 4.69
CA GLN A 132 0.24 18.81 4.65
C GLN A 132 1.08 17.59 4.30
N ALA A 133 1.26 17.38 3.00
CA ALA A 133 1.88 16.15 2.54
C ALA A 133 3.28 16.02 3.08
N HIS A 134 3.67 14.81 3.49
CA HIS A 134 4.97 14.44 3.96
C HIS A 134 5.28 14.95 5.36
N SER A 135 4.26 15.55 5.95
CA SER A 135 4.50 16.22 7.25
C SER A 135 4.94 15.27 8.35
N HIS A 136 4.66 13.97 8.29
CA HIS A 136 5.15 13.02 9.26
C HIS A 136 6.28 12.14 8.72
N ALA A 137 6.95 12.58 7.65
CA ALA A 137 7.94 11.68 7.02
C ALA A 137 9.22 11.51 7.82
N SER A 138 9.47 12.41 8.77
CA SER A 138 10.67 12.23 9.60
C SER A 138 10.32 11.74 10.99
N LEU A 139 9.16 11.13 11.26
CA LEU A 139 8.76 10.72 12.59
C LEU A 139 9.26 9.36 13.05
N GLY A 140 9.61 8.47 12.15
CA GLY A 140 10.04 7.10 12.47
C GLY A 140 9.32 6.06 11.62
N TRP A 141 8.25 6.44 10.92
CA TRP A 141 7.59 5.42 10.10
C TRP A 141 8.46 4.79 9.03
N GLU A 142 9.39 5.54 8.44
CA GLU A 142 10.19 4.96 7.36
C GLU A 142 11.10 3.88 7.94
N THR A 143 11.59 4.13 9.18
CA THR A 143 12.33 3.02 9.79
C THR A 143 11.50 1.76 9.98
N PHE A 144 10.26 1.95 10.40
CA PHE A 144 9.37 0.83 10.64
C PHE A 144 9.08 0.05 9.36
N THR A 145 8.74 0.82 8.30
CA THR A 145 8.37 0.14 7.06
C THR A 145 9.61 -0.42 6.35
N ASP A 146 10.77 0.14 6.68
CA ASP A 146 12.01 -0.54 6.25
C ASP A 146 12.05 -1.96 6.79
N LYS A 147 11.70 -2.06 8.08
CA LYS A 147 11.82 -3.37 8.72
C LYS A 147 10.79 -4.35 8.16
N VAL A 148 9.60 -3.82 7.92
CA VAL A 148 8.49 -4.57 7.39
C VAL A 148 8.90 -5.20 6.05
N ILE A 149 9.44 -4.38 5.14
CA ILE A 149 9.90 -4.91 3.85
C ILE A 149 11.00 -5.92 4.06
N SER A 150 11.95 -5.62 4.93
CA SER A 150 13.03 -6.58 5.22
C SER A 150 12.45 -7.91 5.70
N LEU A 151 11.51 -7.87 6.63
CA LEU A 151 10.88 -9.10 7.09
C LEU A 151 10.12 -9.85 6.01
N ILE A 152 9.45 -9.18 5.09
CA ILE A 152 8.78 -9.93 3.99
C ILE A 152 9.84 -10.61 3.16
N ASN A 153 10.94 -9.91 2.89
CA ASN A 153 12.01 -10.48 2.07
C ASN A 153 12.57 -11.77 2.69
N GLN A 154 12.77 -11.75 3.99
CA GLN A 154 13.35 -12.83 4.77
C GLN A 154 12.37 -13.98 4.98
N HIS A 155 11.11 -13.65 5.28
CA HIS A 155 10.26 -14.68 5.85
C HIS A 155 9.24 -15.21 4.84
N ARG A 156 9.19 -14.65 3.64
CA ARG A 156 8.28 -15.12 2.58
C ARG A 156 9.10 -15.48 1.36
N GLU A 157 8.43 -16.19 0.45
CA GLU A 157 9.04 -16.59 -0.80
C GLU A 157 8.07 -16.31 -1.94
N GLY A 158 8.64 -15.79 -3.03
CA GLY A 158 7.80 -15.62 -4.22
C GLY A 158 6.78 -14.51 -4.15
N VAL A 159 7.00 -13.46 -3.35
CA VAL A 159 6.13 -12.29 -3.36
C VAL A 159 6.42 -11.39 -4.54
N VAL A 160 5.40 -10.74 -5.05
CA VAL A 160 5.55 -9.81 -6.17
C VAL A 160 5.61 -8.41 -5.57
N PHE A 161 6.67 -7.68 -5.87
CA PHE A 161 6.76 -6.31 -5.37
C PHE A 161 6.58 -5.35 -6.54
N LEU A 162 5.56 -4.51 -6.50
CA LEU A 162 5.42 -3.47 -7.55
C LEU A 162 5.93 -2.16 -6.97
N LEU A 163 7.10 -1.73 -7.41
CA LEU A 163 7.85 -0.60 -6.86
C LEU A 163 7.72 0.58 -7.79
N TRP A 164 6.87 1.53 -7.43
CA TRP A 164 6.48 2.66 -8.26
C TRP A 164 7.07 3.95 -7.66
N GLY A 165 7.98 4.53 -8.43
CA GLY A 165 8.71 5.69 -7.96
C GLY A 165 10.09 5.35 -7.41
N SER A 166 11.01 6.34 -7.49
CA SER A 166 12.35 6.21 -6.93
C SER A 166 12.31 5.90 -5.44
N HIS A 167 11.38 6.51 -4.72
CA HIS A 167 11.34 6.28 -3.26
C HIS A 167 11.10 4.82 -2.93
N ALA A 168 10.05 4.23 -3.55
CA ALA A 168 9.73 2.81 -3.36
C ALA A 168 10.85 1.91 -3.85
N GLN A 169 11.38 2.27 -5.02
CA GLN A 169 12.52 1.48 -5.53
C GLN A 169 13.69 1.50 -4.59
N LYS A 170 13.98 2.63 -3.94
CA LYS A 170 15.13 2.66 -3.03
C LYS A 170 14.86 1.72 -1.86
N LYS A 171 13.64 1.86 -1.35
CA LYS A 171 13.23 1.01 -0.24
C LYS A 171 13.24 -0.49 -0.51
N GLY A 172 13.05 -0.84 -1.78
CA GLY A 172 13.05 -2.25 -2.13
C GLY A 172 14.33 -2.80 -2.67
N ALA A 173 15.39 -1.98 -2.62
CA ALA A 173 16.66 -2.43 -3.17
C ALA A 173 17.19 -3.68 -2.48
N ILE A 174 16.86 -3.92 -1.23
CA ILE A 174 17.38 -5.05 -0.48
C ILE A 174 16.70 -6.35 -0.85
N ILE A 175 15.59 -6.24 -1.61
CA ILE A 175 14.82 -7.46 -1.90
C ILE A 175 15.56 -8.34 -2.91
N ASP A 176 15.54 -9.61 -2.56
CA ASP A 176 16.16 -10.69 -3.32
C ASP A 176 15.34 -10.89 -4.61
N LYS A 177 15.87 -10.49 -5.75
CA LYS A 177 15.10 -10.55 -7.00
C LYS A 177 15.09 -11.95 -7.60
N GLN A 178 15.79 -12.89 -7.00
CA GLN A 178 15.69 -14.30 -7.37
C GLN A 178 14.59 -15.00 -6.60
N ARG A 179 14.49 -14.71 -5.30
CA ARG A 179 13.44 -15.32 -4.48
C ARG A 179 12.10 -14.65 -4.63
N HIS A 180 12.13 -13.35 -4.97
CA HIS A 180 10.88 -12.58 -5.11
C HIS A 180 10.90 -12.01 -6.51
N HIS A 181 9.76 -11.43 -6.88
CA HIS A 181 9.62 -10.87 -8.22
C HIS A 181 9.42 -9.37 -8.10
N VAL A 182 10.41 -8.58 -8.48
CA VAL A 182 10.37 -7.13 -8.37
C VAL A 182 10.15 -6.46 -9.71
N LEU A 183 9.09 -5.68 -9.84
CA LEU A 183 8.73 -4.93 -11.02
C LEU A 183 8.76 -3.43 -10.73
N LYS A 184 9.40 -2.69 -11.61
CA LYS A 184 9.63 -1.25 -11.41
C LYS A 184 8.89 -0.37 -12.38
N ALA A 185 8.35 0.76 -11.93
CA ALA A 185 7.81 1.73 -12.87
C ALA A 185 7.81 3.10 -12.15
N PRO A 186 7.59 4.18 -12.90
CA PRO A 186 7.35 5.48 -12.26
C PRO A 186 6.06 5.45 -11.46
N GLN A 187 5.89 6.43 -10.59
CA GLN A 187 4.67 6.53 -9.78
C GLN A 187 3.46 6.84 -10.62
N PRO A 188 2.24 6.36 -10.29
CA PRO A 188 1.05 6.71 -11.06
C PRO A 188 0.47 8.11 -10.84
N SER A 189 1.16 8.95 -10.06
CA SER A 189 0.62 10.31 -9.96
C SER A 189 0.70 11.06 -11.25
N PRO A 190 -0.11 12.10 -11.42
CA PRO A 190 -0.07 12.87 -12.68
C PRO A 190 1.31 13.37 -13.06
N LEU A 191 2.24 13.62 -12.16
CA LEU A 191 3.52 14.23 -12.54
C LEU A 191 4.32 13.32 -13.47
N SER A 192 4.22 12.03 -13.19
CA SER A 192 5.01 11.02 -13.88
C SER A 192 4.24 9.91 -14.56
N ALA A 193 2.91 9.80 -14.45
CA ALA A 193 2.24 8.58 -14.94
C ALA A 193 2.43 8.33 -16.44
N HIS A 194 2.46 9.42 -17.21
CA HIS A 194 2.62 9.22 -18.65
C HIS A 194 4.08 9.15 -19.09
N ARG A 195 4.95 9.05 -18.11
CA ARG A 195 6.37 8.92 -18.39
C ARG A 195 6.86 7.54 -17.97
N GLY A 196 5.96 6.54 -18.16
CA GLY A 196 6.44 5.19 -17.85
C GLY A 196 5.50 4.37 -16.98
N PHE A 197 4.54 4.97 -16.31
CA PHE A 197 3.61 4.12 -15.57
C PHE A 197 2.65 3.49 -16.56
N PHE A 198 2.03 4.35 -17.40
CA PHE A 198 1.24 3.73 -18.48
C PHE A 198 2.16 2.91 -19.38
N GLY A 199 1.74 1.69 -19.63
CA GLY A 199 2.57 0.76 -20.37
C GLY A 199 3.41 -0.15 -19.51
N CYS A 200 3.39 0.02 -18.17
CA CYS A 200 4.21 -0.87 -17.34
C CYS A 200 3.65 -2.29 -17.27
N ASN A 201 2.33 -2.41 -17.46
CA ASN A 201 1.68 -3.72 -17.49
C ASN A 201 1.86 -4.53 -16.22
N HIS A 202 2.05 -3.84 -15.10
CA HIS A 202 2.40 -4.59 -13.90
C HIS A 202 1.32 -5.52 -13.40
N PHE A 203 0.06 -5.23 -13.66
CA PHE A 203 -1.03 -5.96 -13.05
C PHE A 203 -1.16 -7.35 -13.68
N VAL A 204 -1.06 -7.36 -15.01
CA VAL A 204 -0.99 -8.60 -15.77
C VAL A 204 0.31 -9.34 -15.45
N LEU A 205 1.44 -8.63 -15.34
CA LEU A 205 2.66 -9.39 -15.02
C LEU A 205 2.62 -10.01 -13.64
N ALA A 206 2.08 -9.33 -12.63
CA ALA A 206 2.00 -9.89 -11.28
C ALA A 206 1.18 -11.17 -11.32
N ASN A 207 0.06 -11.13 -12.07
CA ASN A 207 -0.83 -12.28 -12.08
C ASN A 207 -0.22 -13.48 -12.78
N GLN A 208 0.54 -13.21 -13.83
CA GLN A 208 1.24 -14.31 -14.54
C GLN A 208 2.27 -14.95 -13.61
N TRP A 209 3.02 -14.17 -12.84
CA TRP A 209 3.86 -14.74 -11.79
C TRP A 209 3.09 -15.66 -10.87
N LEU A 210 1.99 -15.18 -10.27
CA LEU A 210 1.26 -15.98 -9.31
C LEU A 210 0.76 -17.28 -9.92
N GLU A 211 0.41 -17.22 -11.20
CA GLU A 211 -0.20 -18.38 -11.87
C GLU A 211 0.84 -19.46 -12.12
N GLN A 212 2.01 -19.01 -12.55
CA GLN A 212 3.27 -19.72 -12.68
C GLN A 212 3.45 -20.64 -11.48
N HIS A 213 3.10 -20.15 -10.29
CA HIS A 213 3.35 -20.82 -9.02
C HIS A 213 2.12 -21.41 -8.37
N GLY A 214 0.97 -21.51 -9.01
CA GLY A 214 -0.11 -22.28 -8.40
C GLY A 214 -0.93 -21.48 -7.41
N GLU A 215 -0.80 -20.16 -7.52
CA GLU A 215 -1.55 -19.20 -6.72
C GLU A 215 -2.64 -18.57 -7.59
N THR A 216 -3.77 -18.22 -6.98
CA THR A 216 -4.86 -17.60 -7.75
C THR A 216 -4.45 -16.17 -8.09
N PRO A 217 -4.58 -15.77 -9.34
CA PRO A 217 -4.24 -14.37 -9.71
C PRO A 217 -5.19 -13.44 -8.97
N ILE A 218 -4.90 -12.14 -8.97
CA ILE A 218 -5.68 -11.11 -8.33
C ILE A 218 -6.80 -10.65 -9.29
N ASP A 219 -7.98 -10.52 -8.73
CA ASP A 219 -9.11 -9.94 -9.44
C ASP A 219 -8.98 -8.44 -9.13
N TRP A 220 -8.45 -7.70 -10.11
CA TRP A 220 -8.14 -6.29 -9.89
C TRP A 220 -9.37 -5.37 -9.95
N MET A 221 -10.56 -5.85 -10.33
CA MET A 221 -11.77 -5.00 -10.25
C MET A 221 -12.19 -4.87 -8.80
N PRO A 222 -12.07 -3.69 -8.16
CA PRO A 222 -12.32 -3.60 -6.71
C PRO A 222 -13.79 -3.59 -6.37
N VAL A 223 -14.16 -4.17 -5.20
CA VAL A 223 -15.60 -4.29 -4.99
C VAL A 223 -16.03 -3.64 -3.69
N LEU A 224 -17.12 -2.89 -3.83
CA LEU A 224 -17.76 -2.16 -2.76
C LEU A 224 -18.47 -3.12 -1.82
N PRO A 225 -18.47 -2.82 -0.53
CA PRO A 225 -19.24 -3.65 0.42
C PRO A 225 -20.70 -3.64 -0.01
N ALA A 226 -21.39 -4.78 0.20
CA ALA A 226 -22.76 -4.93 -0.22
C ALA A 226 -23.71 -4.37 0.85
N GLU A 227 -24.94 -4.11 0.41
CA GLU A 227 -25.98 -3.85 1.44
C GLU A 227 -26.50 -5.16 2.02
N SER A 228 -26.99 -5.12 3.24
CA SER A 228 -27.72 -6.24 3.83
C SER A 228 -29.15 -5.76 4.07
N GLU A 229 -30.05 -6.68 4.42
CA GLU A 229 -31.36 -6.21 4.86
C GLU A 229 -31.25 -5.38 6.14
#